data_4GBS
#
_entry.id   4GBS
#
_cell.length_a   66.009
_cell.length_b   66.009
_cell.length_c   263.457
_cell.angle_alpha   90.000
_cell.angle_beta   90.000
_cell.angle_gamma   90.000
#
_symmetry.space_group_name_H-M   'P 41 2 2'
#
loop_
_entity.id
_entity.type
_entity.pdbx_description
1 polymer 'Putative lipoprotein'
2 non-polymer 'SULFATE ION'
3 water water
#
_entity_poly.entity_id   1
_entity_poly.type   'polypeptide(L)'
_entity_poly.pdbx_seq_one_letter_code
;GNGILSSLYDEPETA(MLY)DFGFITIDHANHSGTVRVDATQYT(MLY)WNYINLHTLQIDSA(MLY)VTAEGADDPDTW
DLAIHRYDVKTNGGEVLETDYQSLSAL(MLY)NAGS(MSE)PQGIFVADEWTTN(MLY)IAVDVSH(MSE)(MSE)EDNG
YLIYAPSDFNPELS(MLY)WLNVDTSE(MSE)PPIYTPSN(MLY)VYLLR(MSE)(MLY)DDT(MSE)AAIRLVSY
(MSE)NAAGI(MLY)GY(MSE)TFDYIYPYEP
;
_entity_poly.pdbx_strand_id   A,B
#
# COMPACT_ATOMS: atom_id res chain seq x y z
N PRO A 12 -26.88 -16.45 1.28
CA PRO A 12 -27.86 -15.38 1.50
C PRO A 12 -27.42 -14.44 2.63
N GLU A 13 -27.61 -13.11 2.44
CA GLU A 13 -27.21 -12.10 3.42
C GLU A 13 -28.39 -11.12 3.65
N THR A 14 -29.10 -11.25 4.80
CA THR A 14 -30.25 -10.42 5.20
C THR A 14 -29.82 -9.33 6.22
N ALA A 15 -30.79 -8.48 6.67
CA ALA A 15 -30.57 -7.41 7.67
C ALA A 15 -30.21 -8.02 9.05
N ASP A 17 -28.04 -10.13 9.55
CA ASP A 17 -26.59 -10.31 9.47
C ASP A 17 -25.83 -9.00 9.82
N PHE A 18 -26.55 -7.90 10.11
CA PHE A 18 -25.96 -6.63 10.53
C PHE A 18 -26.47 -6.20 11.91
N GLY A 19 -25.68 -5.38 12.61
CA GLY A 19 -25.97 -4.89 13.95
C GLY A 19 -25.21 -5.64 15.01
N PHE A 20 -25.81 -5.80 16.20
CA PHE A 20 -25.21 -6.53 17.32
C PHE A 20 -25.50 -8.01 17.11
N ILE A 21 -24.71 -8.64 16.23
CA ILE A 21 -24.85 -10.03 15.79
C ILE A 21 -24.50 -11.01 16.95
N THR A 22 -23.76 -10.55 17.97
CA THR A 22 -23.43 -11.31 19.19
C THR A 22 -23.55 -10.37 20.41
N ILE A 23 -24.25 -10.85 21.45
CA ILE A 23 -24.43 -10.13 22.72
C ILE A 23 -24.26 -11.15 23.85
N ASP A 24 -23.34 -10.86 24.78
CA ASP A 24 -23.10 -11.65 25.98
C ASP A 24 -23.14 -10.69 27.16
N HIS A 25 -24.35 -10.53 27.75
CA HIS A 25 -24.63 -9.62 28.87
C HIS A 25 -23.83 -10.00 30.12
N ALA A 26 -23.55 -11.30 30.31
CA ALA A 26 -22.79 -11.81 31.46
C ALA A 26 -21.32 -11.36 31.40
N ASN A 27 -20.68 -11.55 30.24
CA ASN A 27 -19.26 -11.21 30.02
C ASN A 27 -19.04 -9.75 29.63
N HIS A 28 -20.13 -8.96 29.46
CA HIS A 28 -20.12 -7.55 29.01
C HIS A 28 -19.42 -7.43 27.66
N SER A 29 -19.72 -8.37 26.77
CA SER A 29 -19.08 -8.45 25.46
C SER A 29 -20.12 -8.58 24.34
N GLY A 30 -19.63 -8.48 23.12
CA GLY A 30 -20.46 -8.63 21.92
C GLY A 30 -19.69 -8.38 20.64
N THR A 31 -20.43 -8.47 19.51
CA THR A 31 -19.90 -8.29 18.17
C THR A 31 -20.86 -7.46 17.36
N VAL A 32 -20.33 -6.43 16.71
CA VAL A 32 -21.07 -5.52 15.84
C VAL A 32 -20.60 -5.72 14.41
N ARG A 33 -21.55 -5.80 13.45
CA ARG A 33 -21.26 -5.90 12.02
C ARG A 33 -22.08 -4.83 11.29
N VAL A 34 -21.40 -3.98 10.50
CA VAL A 34 -22.08 -2.91 9.75
C VAL A 34 -21.61 -2.90 8.30
N ASP A 35 -22.53 -2.48 7.40
CA ASP A 35 -22.25 -2.23 5.99
C ASP A 35 -21.83 -0.76 5.88
N ALA A 36 -20.53 -0.53 5.75
CA ALA A 36 -19.95 0.80 5.62
C ALA A 36 -19.38 1.02 4.20
N THR A 37 -19.86 0.25 3.21
CA THR A 37 -19.41 0.36 1.82
C THR A 37 -19.83 1.70 1.13
N GLN A 38 -20.93 2.35 1.58
CA GLN A 38 -21.38 3.61 0.97
C GLN A 38 -20.62 4.81 1.50
N TYR A 39 -20.27 5.74 0.61
CA TYR A 39 -19.56 6.97 0.96
C TYR A 39 -20.52 8.03 1.52
N THR A 40 -21.82 7.82 1.31
CA THR A 40 -22.88 8.75 1.63
C THR A 40 -23.56 8.42 2.96
N TRP A 42 -23.23 7.34 7.40
CA TRP A 42 -22.66 7.07 8.71
C TRP A 42 -23.43 5.95 9.37
N ASN A 43 -22.73 5.02 10.00
CA ASN A 43 -23.33 3.91 10.71
C ASN A 43 -23.02 4.15 12.17
N TYR A 44 -24.08 4.51 12.92
CA TYR A 44 -24.01 4.87 14.33
C TYR A 44 -24.21 3.65 15.19
N ILE A 45 -23.34 3.49 16.19
CA ILE A 45 -23.35 2.39 17.13
C ILE A 45 -23.58 2.95 18.53
N ASN A 46 -24.55 2.39 19.22
CA ASN A 46 -24.84 2.76 20.59
C ASN A 46 -24.59 1.52 21.46
N LEU A 47 -23.45 1.53 22.16
CA LEU A 47 -22.99 0.47 23.04
C LEU A 47 -23.78 0.45 24.35
N HIS A 48 -24.43 1.58 24.71
CA HIS A 48 -25.26 1.70 25.89
C HIS A 48 -26.59 0.97 25.71
N THR A 49 -27.23 1.15 24.52
CA THR A 49 -28.55 0.58 24.23
C THR A 49 -28.46 -0.67 23.34
N LEU A 50 -27.24 -1.01 22.81
CA LEU A 50 -26.96 -2.14 21.91
C LEU A 50 -27.85 -1.99 20.66
N GLN A 51 -27.80 -0.79 20.08
CA GLN A 51 -28.59 -0.37 18.92
C GLN A 51 -27.71 0.27 17.84
N ILE A 52 -28.16 0.09 16.59
CA ILE A 52 -27.52 0.53 15.35
C ILE A 52 -28.49 1.44 14.62
N ASP A 53 -27.95 2.49 14.01
CA ASP A 53 -28.72 3.45 13.24
C ASP A 53 -27.81 3.97 12.13
N SER A 54 -28.37 4.66 11.15
CA SER A 54 -27.60 5.25 10.07
C SER A 54 -28.24 6.54 9.62
N ALA A 55 -27.46 7.39 8.96
CA ALA A 55 -27.91 8.66 8.41
C ALA A 55 -27.00 9.06 7.27
N VAL A 57 -24.67 11.42 4.86
CA VAL A 57 -23.62 12.40 5.08
C VAL A 57 -23.32 12.98 3.68
N THR A 58 -23.45 14.32 3.56
CA THR A 58 -23.26 15.08 2.33
C THR A 58 -22.09 16.06 2.45
N ALA A 59 -21.89 16.90 1.41
CA ALA A 59 -20.89 17.95 1.41
C ALA A 59 -21.26 19.04 2.43
N GLU A 60 -22.51 19.02 2.91
CA GLU A 60 -23.07 19.94 3.90
C GLU A 60 -23.09 19.31 5.32
N GLY A 61 -22.43 18.16 5.49
CA GLY A 61 -22.34 17.47 6.77
C GLY A 61 -23.31 16.31 6.95
N ALA A 62 -23.59 15.96 8.22
CA ALA A 62 -24.45 14.83 8.55
C ALA A 62 -25.56 15.18 9.54
N ASP A 63 -26.54 14.29 9.64
CA ASP A 63 -27.65 14.35 10.58
C ASP A 63 -27.45 13.29 11.65
N ASP A 64 -26.67 13.59 12.69
CA ASP A 64 -26.38 12.65 13.78
C ASP A 64 -27.63 12.39 14.62
N PRO A 65 -27.87 11.15 15.05
CA PRO A 65 -29.03 10.89 15.93
C PRO A 65 -28.81 11.50 17.31
N ASP A 66 -29.86 11.52 18.14
CA ASP A 66 -29.81 12.12 19.48
C ASP A 66 -28.75 11.43 20.35
N THR A 67 -28.61 10.11 20.22
CA THR A 67 -27.71 9.36 21.06
C THR A 67 -26.93 8.35 20.21
N TRP A 68 -25.62 8.20 20.50
CA TRP A 68 -24.66 7.31 19.84
C TRP A 68 -23.30 7.38 20.56
N ASP A 69 -22.50 6.33 20.42
CA ASP A 69 -21.18 6.28 21.06
C ASP A 69 -20.06 6.42 20.00
N LEU A 70 -20.23 5.77 18.84
CA LEU A 70 -19.28 5.90 17.72
C LEU A 70 -20.03 5.71 16.40
N ALA A 71 -19.37 6.09 15.30
CA ALA A 71 -19.94 5.99 13.96
C ALA A 71 -18.87 5.58 12.98
N ILE A 72 -19.26 4.77 11.96
CA ILE A 72 -18.37 4.24 10.92
C ILE A 72 -18.91 4.66 9.55
N HIS A 73 -18.02 5.26 8.74
CA HIS A 73 -18.17 5.69 7.35
C HIS A 73 -17.01 5.08 6.63
N ARG A 74 -17.24 4.17 5.67
CA ARG A 74 -16.12 3.49 5.01
C ARG A 74 -15.24 2.88 6.11
N TYR A 75 -13.96 3.27 6.20
CA TYR A 75 -13.08 2.71 7.24
C TYR A 75 -12.80 3.73 8.33
N ASP A 76 -13.47 4.89 8.23
CA ASP A 76 -13.39 6.06 9.10
C ASP A 76 -14.28 5.93 10.31
N VAL A 77 -13.77 6.41 11.45
CA VAL A 77 -14.48 6.39 12.72
C VAL A 77 -14.55 7.81 13.28
N LYS A 78 -15.70 8.17 13.83
CA LYS A 78 -15.88 9.40 14.61
C LYS A 78 -16.54 8.98 15.92
N THR A 79 -16.31 9.77 16.97
CA THR A 79 -16.89 9.46 18.27
C THR A 79 -17.83 10.60 18.64
N ASN A 80 -18.62 10.40 19.68
CA ASN A 80 -19.54 11.44 20.12
C ASN A 80 -18.96 12.10 21.36
N GLY A 81 -17.98 12.97 21.17
CA GLY A 81 -17.26 13.61 22.27
C GLY A 81 -16.37 12.64 23.04
N GLY A 82 -15.99 11.55 22.40
CA GLY A 82 -15.17 10.49 22.99
C GLY A 82 -13.69 10.69 22.78
N GLU A 83 -12.88 9.81 23.36
CA GLU A 83 -11.42 9.83 23.23
C GLU A 83 -10.94 8.38 23.18
N VAL A 84 -9.98 8.12 22.29
CA VAL A 84 -9.52 6.77 22.04
C VAL A 84 -8.03 6.61 22.29
N LEU A 85 -7.65 5.44 22.81
CA LEU A 85 -6.27 5.02 23.02
C LEU A 85 -6.03 3.69 22.29
N GLU A 86 -5.01 3.66 21.42
CA GLU A 86 -4.56 2.44 20.75
C GLU A 86 -3.62 1.70 21.69
N THR A 87 -4.05 0.56 22.24
CA THR A 87 -3.22 -0.22 23.16
C THR A 87 -2.24 -1.09 22.40
N ASP A 88 -1.36 -1.81 23.12
CA ASP A 88 -0.38 -2.71 22.52
C ASP A 88 -0.96 -4.13 22.43
N TYR A 89 -2.14 -4.38 23.04
CA TYR A 89 -2.82 -5.69 23.04
C TYR A 89 -3.46 -5.96 21.68
N GLN A 90 -3.37 -7.21 21.20
CA GLN A 90 -3.91 -7.66 19.91
C GLN A 90 -5.09 -8.64 20.11
N SER A 91 -5.58 -8.73 21.35
CA SER A 91 -6.68 -9.59 21.76
C SER A 91 -7.41 -8.95 22.92
N LEU A 92 -8.77 -9.04 22.93
CA LEU A 92 -9.59 -8.56 24.04
C LEU A 92 -9.28 -9.38 25.30
N SER A 93 -8.95 -10.67 25.11
CA SER A 93 -8.55 -11.64 26.16
C SER A 93 -7.26 -11.20 26.84
N ALA A 94 -6.24 -10.79 26.04
CA ALA A 94 -4.94 -10.29 26.50
C ALA A 94 -5.11 -9.02 27.38
N LEU A 95 -6.03 -8.10 26.97
CA LEU A 95 -6.36 -6.91 27.73
C LEU A 95 -6.99 -7.28 29.08
N ASN A 97 -6.90 -10.06 30.76
CA ASN A 97 -5.95 -10.82 31.59
C ASN A 97 -4.93 -9.91 32.29
N ALA A 98 -4.46 -8.83 31.62
CA ALA A 98 -3.48 -7.89 32.14
C ALA A 98 -3.86 -7.33 33.53
N GLY A 99 -5.16 -7.22 33.80
CA GLY A 99 -5.71 -6.72 35.06
C GLY A 99 -5.20 -5.34 35.44
N SER A 100 -4.90 -4.53 34.42
CA SER A 100 -4.38 -3.19 34.57
C SER A 100 -4.83 -2.32 33.41
N PRO A 102 -4.47 0.08 30.59
CA PRO A 102 -3.35 0.46 29.71
C PRO A 102 -3.07 1.96 29.74
N GLN A 103 -1.79 2.31 29.93
CA GLN A 103 -1.34 3.69 29.97
C GLN A 103 -1.17 4.21 28.54
N GLY A 104 -1.29 5.53 28.38
CA GLY A 104 -1.17 6.20 27.10
C GLY A 104 -2.05 7.43 26.99
N ILE A 105 -1.82 8.22 25.94
CA ILE A 105 -2.57 9.46 25.71
C ILE A 105 -3.81 9.14 24.90
N PHE A 106 -4.99 9.49 25.45
CA PHE A 106 -6.28 9.33 24.78
C PHE A 106 -6.45 10.46 23.77
N VAL A 107 -6.81 10.08 22.55
CA VAL A 107 -6.92 11.01 21.44
C VAL A 107 -8.38 11.31 21.13
N ALA A 108 -8.71 12.61 21.17
CA ALA A 108 -10.05 13.09 20.87
C ALA A 108 -10.22 13.23 19.36
N ASP A 109 -11.45 13.46 18.90
CA ASP A 109 -11.73 13.69 17.49
C ASP A 109 -11.16 14.99 17.03
N GLU A 110 -10.88 15.05 15.74
CA GLU A 110 -10.41 16.27 15.08
C GLU A 110 -11.46 16.72 14.09
N TRP A 111 -11.57 18.01 13.88
CA TRP A 111 -12.48 18.56 12.90
C TRP A 111 -11.74 18.57 11.57
N THR A 112 -12.31 17.88 10.57
CA THR A 112 -11.69 17.72 9.25
C THR A 112 -12.57 18.23 8.13
N THR A 113 -11.95 18.69 7.05
CA THR A 113 -12.66 19.15 5.87
C THR A 113 -12.16 18.38 4.64
N ASN A 114 -11.13 17.53 4.83
CA ASN A 114 -10.52 16.78 3.74
C ASN A 114 -10.29 15.29 4.07
N ILE A 116 -13.36 12.78 5.27
CA ILE A 116 -14.60 12.02 5.03
C ILE A 116 -15.09 12.28 3.61
N ALA A 117 -14.71 11.39 2.68
CA ALA A 117 -15.11 11.42 1.28
C ALA A 117 -16.59 11.04 1.14
N VAL A 118 -17.40 11.85 0.44
CA VAL A 118 -18.82 11.56 0.29
C VAL A 118 -19.17 11.43 -1.24
N ASP A 119 -18.26 11.85 -2.13
CA ASP A 119 -18.41 11.73 -3.59
C ASP A 119 -17.05 11.42 -4.22
N VAL A 120 -16.87 10.15 -4.71
CA VAL A 120 -15.64 9.70 -5.37
C VAL A 120 -15.89 9.59 -6.91
N SER A 121 -16.96 10.22 -7.42
CA SER A 121 -17.33 10.17 -8.84
C SER A 121 -16.42 11.07 -9.73
N HIS A 122 -15.54 11.91 -9.13
CA HIS A 122 -14.65 12.77 -9.92
C HIS A 122 -13.19 12.25 -9.89
N GLY A 128 -8.52 13.95 -9.87
CA GLY A 128 -8.36 15.40 -9.78
C GLY A 128 -9.23 16.07 -8.73
N TYR A 129 -10.48 15.61 -8.57
CA TYR A 129 -11.44 16.11 -7.59
C TYR A 129 -12.04 14.96 -6.77
N LEU A 130 -12.31 15.23 -5.49
CA LEU A 130 -12.88 14.30 -4.52
C LEU A 130 -13.62 15.13 -3.47
N ILE A 131 -14.95 14.96 -3.35
CA ILE A 131 -15.76 15.81 -2.46
C ILE A 131 -15.77 15.23 -1.04
N TYR A 132 -15.46 16.10 -0.06
CA TYR A 132 -15.41 15.75 1.35
C TYR A 132 -16.49 16.42 2.14
N ALA A 133 -16.83 15.80 3.27
CA ALA A 133 -17.77 16.36 4.21
C ALA A 133 -17.02 17.01 5.35
N PRO A 134 -17.42 18.24 5.78
CA PRO A 134 -16.83 18.79 7.01
C PRO A 134 -17.32 17.89 8.15
N SER A 135 -16.38 17.26 8.87
CA SER A 135 -16.79 16.28 9.86
C SER A 135 -15.77 16.07 10.95
N ASP A 136 -16.24 15.55 12.09
CA ASP A 136 -15.39 15.05 13.16
C ASP A 136 -14.80 13.75 12.70
N PHE A 137 -13.60 13.45 13.17
CA PHE A 137 -12.89 12.25 12.79
C PHE A 137 -11.96 11.82 13.91
N ASN A 138 -11.99 10.53 14.32
CA ASN A 138 -11.07 10.05 15.33
C ASN A 138 -9.89 9.41 14.65
N PRO A 139 -8.70 10.05 14.63
CA PRO A 139 -7.56 9.44 13.93
C PRO A 139 -7.00 8.22 14.65
N GLU A 140 -7.31 8.06 15.94
CA GLU A 140 -6.77 6.98 16.74
C GLU A 140 -7.53 5.68 16.47
N LEU A 141 -8.87 5.68 16.59
CA LEU A 141 -9.63 4.44 16.38
C LEU A 141 -9.57 4.03 14.90
N SER A 142 -9.51 5.02 13.98
CA SER A 142 -9.47 4.77 12.52
C SER A 142 -8.13 4.08 12.09
N TRP A 144 -7.36 1.27 13.03
CA TRP A 144 -7.72 -0.16 13.03
C TRP A 144 -7.57 -0.76 11.62
N LEU A 145 -7.48 0.08 10.59
CA LEU A 145 -7.22 -0.32 9.21
C LEU A 145 -6.36 0.75 8.55
N ASN A 146 -5.23 0.35 8.00
CA ASN A 146 -4.34 1.25 7.29
C ASN A 146 -4.53 1.04 5.82
N VAL A 147 -4.74 2.10 5.05
CA VAL A 147 -4.90 2.00 3.60
C VAL A 147 -3.75 2.80 2.97
N ASP A 148 -2.81 2.10 2.28
CA ASP A 148 -1.65 2.74 1.65
C ASP A 148 -2.03 3.11 0.23
N THR A 149 -2.39 4.39 0.01
CA THR A 149 -2.87 4.95 -1.25
C THR A 149 -1.74 5.22 -2.22
N SER A 150 -0.47 5.13 -1.77
CA SER A 150 0.70 5.31 -2.65
C SER A 150 0.95 4.04 -3.50
N GLU A 151 0.12 3.01 -3.34
CA GLU A 151 0.21 1.74 -4.05
C GLU A 151 -0.97 1.59 -5.00
N PRO A 153 -2.94 -1.53 -6.87
CA PRO A 153 -4.03 -1.01 -6.03
C PRO A 153 -3.55 -0.74 -4.60
N PRO A 154 -4.31 -0.01 -3.74
CA PRO A 154 -3.81 0.26 -2.37
C PRO A 154 -3.65 -1.02 -1.50
N ILE A 155 -2.76 -0.94 -0.49
CA ILE A 155 -2.44 -2.03 0.44
C ILE A 155 -3.15 -1.78 1.79
N TYR A 156 -3.99 -2.75 2.16
CA TYR A 156 -4.79 -2.74 3.38
C TYR A 156 -4.08 -3.49 4.52
N THR A 157 -3.77 -2.78 5.60
CA THR A 157 -3.08 -3.36 6.75
C THR A 157 -3.88 -3.10 8.06
N PRO A 158 -4.63 -4.10 8.59
CA PRO A 158 -5.31 -3.89 9.87
C PRO A 158 -4.30 -3.88 11.02
N SER A 159 -4.44 -2.95 11.97
CA SER A 159 -3.52 -2.86 13.10
C SER A 159 -3.57 -4.13 13.96
N ASN A 160 -4.78 -4.73 14.08
CA ASN A 160 -5.10 -5.93 14.89
C ASN A 160 -5.03 -5.59 16.36
N VAL A 162 -6.15 -3.56 20.06
CA VAL A 162 -7.32 -3.30 20.89
C VAL A 162 -7.35 -1.78 21.16
N TYR A 163 -8.50 -1.15 20.90
CA TYR A 163 -8.70 0.28 21.11
C TYR A 163 -9.57 0.52 22.34
N LEU A 164 -9.18 1.48 23.17
CA LEU A 164 -10.00 1.88 24.30
C LEU A 164 -10.76 3.10 23.92
N LEU A 165 -12.09 3.06 24.06
CA LEU A 165 -12.94 4.20 23.76
C LEU A 165 -13.52 4.72 25.09
N ARG A 166 -13.08 5.92 25.51
CA ARG A 166 -13.64 6.56 26.70
C ARG A 166 -14.74 7.51 26.23
N ASP A 169 -19.48 9.93 29.41
CA ASP A 169 -19.92 9.61 30.76
C ASP A 169 -18.82 8.87 31.57
N ASP A 170 -17.59 8.79 31.03
CA ASP A 170 -16.37 8.19 31.59
C ASP A 170 -16.46 6.64 31.60
N THR A 171 -17.48 6.05 30.93
CA THR A 171 -17.53 4.59 30.75
C THR A 171 -16.56 4.28 29.62
N ALA A 173 -15.05 1.36 26.62
CA ALA A 173 -15.18 0.18 25.77
C ALA A 173 -13.84 -0.23 25.23
N ALA A 174 -13.64 -1.53 25.08
CA ALA A 174 -12.47 -2.11 24.46
C ALA A 174 -12.93 -2.66 23.11
N ILE A 175 -12.42 -2.09 22.00
CA ILE A 175 -12.86 -2.47 20.64
C ILE A 175 -11.70 -3.11 19.88
N ARG A 176 -12.02 -4.17 19.13
CA ARG A 176 -11.04 -4.85 18.31
C ARG A 176 -11.72 -5.26 16.99
N LEU A 177 -11.25 -4.71 15.84
CA LEU A 177 -11.76 -5.03 14.51
C LEU A 177 -11.42 -6.48 14.12
N VAL A 178 -12.44 -7.25 13.76
CA VAL A 178 -12.32 -8.66 13.37
C VAL A 178 -12.09 -8.75 11.85
N SER A 179 -12.91 -8.05 11.04
CA SER A 179 -12.76 -8.07 9.58
C SER A 179 -13.24 -6.77 8.97
N TYR A 180 -12.78 -6.49 7.74
CA TYR A 180 -13.15 -5.27 7.00
C TYR A 180 -13.68 -5.67 5.60
N ASN A 182 -16.22 -8.86 3.42
CA ASN A 182 -17.20 -9.93 3.52
C ASN A 182 -16.56 -11.21 2.94
N ALA A 183 -17.28 -12.35 3.00
CA ALA A 183 -16.88 -13.68 2.54
C ALA A 183 -16.51 -13.75 1.02
N ALA A 184 -16.88 -12.71 0.25
CA ALA A 184 -16.58 -12.59 -1.18
C ALA A 184 -15.39 -11.63 -1.42
N GLY A 185 -14.86 -11.05 -0.35
CA GLY A 185 -13.70 -10.18 -0.40
C GLY A 185 -14.00 -8.74 -0.69
N ILE A 186 -15.28 -8.36 -0.54
CA ILE A 186 -15.74 -7.00 -0.78
C ILE A 186 -15.46 -6.23 0.46
N GLY A 188 -15.37 -3.01 3.07
CA GLY A 188 -16.29 -2.02 3.65
C GLY A 188 -17.26 -2.63 4.64
N TYR A 189 -17.35 -3.97 4.69
CA TYR A 189 -18.20 -4.67 5.65
C TYR A 189 -17.38 -4.83 6.90
N THR A 191 -16.65 -5.60 10.87
CA THR A 191 -17.03 -6.43 12.03
C THR A 191 -16.04 -6.19 13.15
N PHE A 192 -16.53 -5.84 14.36
CA PHE A 192 -15.63 -5.68 15.49
C PHE A 192 -16.21 -6.33 16.76
N ASP A 193 -15.31 -6.80 17.62
CA ASP A 193 -15.64 -7.36 18.93
C ASP A 193 -15.40 -6.30 19.97
N TYR A 194 -16.21 -6.28 21.02
CA TYR A 194 -16.05 -5.26 22.05
C TYR A 194 -16.23 -5.84 23.46
N ILE A 195 -15.78 -5.08 24.44
CA ILE A 195 -16.00 -5.24 25.88
C ILE A 195 -16.62 -3.95 26.35
N TYR A 196 -17.88 -3.98 26.78
CA TYR A 196 -18.51 -2.78 27.28
C TYR A 196 -19.50 -3.15 28.37
N PRO A 197 -19.32 -2.56 29.58
CA PRO A 197 -18.27 -1.60 29.96
C PRO A 197 -16.98 -2.30 30.37
N TYR A 198 -15.83 -1.78 29.90
CA TYR A 198 -14.51 -2.32 30.24
C TYR A 198 -14.04 -1.77 31.59
N GLU A 199 -13.67 -2.66 32.50
CA GLU A 199 -13.14 -2.36 33.82
C GLU A 199 -11.99 -3.28 34.13
N PRO A 200 -10.79 -2.77 34.51
CA PRO A 200 -9.67 -3.67 34.85
C PRO A 200 -10.02 -4.61 36.04
N ALA B 15 -1.61 5.53 -22.90
CA ALA B 15 -0.50 4.65 -23.28
C ALA B 15 0.67 5.44 -23.86
N ASP B 17 1.99 7.92 -22.60
CA ASP B 17 2.75 8.33 -21.43
C ASP B 17 3.72 7.21 -20.98
N PHE B 18 3.69 6.03 -21.65
CA PHE B 18 4.61 4.91 -21.36
C PHE B 18 5.46 4.56 -22.58
N GLY B 19 6.63 3.98 -22.32
CA GLY B 19 7.56 3.58 -23.35
C GLY B 19 8.74 4.53 -23.44
N PHE B 20 9.27 4.70 -24.67
CA PHE B 20 10.39 5.61 -24.91
C PHE B 20 9.81 7.00 -25.10
N ILE B 21 9.49 7.65 -23.96
CA ILE B 21 8.85 8.96 -23.88
C ILE B 21 9.81 10.09 -24.39
N THR B 22 11.14 9.83 -24.41
CA THR B 22 12.16 10.74 -24.94
C THR B 22 13.20 9.91 -25.73
N ILE B 23 13.52 10.37 -26.95
CA ILE B 23 14.52 9.77 -27.83
C ILE B 23 15.34 10.90 -28.45
N ASP B 24 16.67 10.81 -28.31
CA ASP B 24 17.64 11.73 -28.89
C ASP B 24 18.67 10.87 -29.62
N HIS B 25 18.41 10.60 -30.91
CA HIS B 25 19.26 9.77 -31.79
C HIS B 25 20.66 10.36 -31.96
N ALA B 26 20.79 11.70 -31.92
CA ALA B 26 22.07 12.39 -32.06
C ALA B 26 22.98 12.12 -30.85
N ASN B 27 22.45 12.29 -29.62
CA ASN B 27 23.20 12.13 -28.38
C ASN B 27 23.24 10.66 -27.90
N HIS B 28 22.53 9.73 -28.62
CA HIS B 28 22.40 8.30 -28.27
C HIS B 28 21.80 8.16 -26.85
N SER B 29 20.77 8.95 -26.56
CA SER B 29 20.14 8.97 -25.24
C SER B 29 18.63 8.92 -25.35
N GLY B 30 17.97 8.83 -24.21
CA GLY B 30 16.53 8.77 -24.13
C GLY B 30 16.02 8.50 -22.74
N THR B 31 14.68 8.42 -22.63
CA THR B 31 13.98 8.18 -21.37
C THR B 31 12.89 7.15 -21.59
N VAL B 32 12.87 6.15 -20.70
CA VAL B 32 11.90 5.06 -20.70
C VAL B 32 11.03 5.20 -19.46
N ARG B 33 9.70 5.05 -19.61
CA ARG B 33 8.73 5.06 -18.52
C ARG B 33 7.84 3.82 -18.66
N VAL B 34 7.79 2.99 -17.61
CA VAL B 34 6.95 1.78 -17.62
C VAL B 34 6.06 1.76 -16.36
N ASP B 35 4.90 1.10 -16.50
CA ASP B 35 3.93 0.83 -15.46
C ASP B 35 4.30 -0.54 -14.88
N ALA B 36 5.09 -0.53 -13.83
CA ALA B 36 5.57 -1.74 -13.17
C ALA B 36 4.84 -1.95 -11.83
N THR B 37 3.63 -1.40 -11.67
CA THR B 37 2.82 -1.49 -10.46
C THR B 37 2.31 -2.92 -10.19
N GLN B 38 2.03 -3.68 -11.25
CA GLN B 38 1.48 -5.04 -11.09
C GLN B 38 2.56 -6.04 -10.76
N TYR B 39 2.22 -6.97 -9.85
CA TYR B 39 3.11 -8.04 -9.42
C TYR B 39 3.12 -9.21 -10.42
N THR B 40 2.14 -9.22 -11.31
CA THR B 40 1.89 -10.27 -12.29
C THR B 40 2.45 -9.93 -13.67
N TRP B 42 5.90 -8.45 -16.31
CA TRP B 42 7.24 -7.99 -16.69
C TRP B 42 7.11 -6.97 -17.77
N ASN B 43 7.86 -5.88 -17.67
CA ASN B 43 7.93 -4.82 -18.68
C ASN B 43 9.28 -4.94 -19.34
N TYR B 44 9.28 -5.41 -20.59
CA TYR B 44 10.47 -5.66 -21.39
C TYR B 44 10.84 -4.43 -22.19
N ILE B 45 12.13 -4.06 -22.14
CA ILE B 45 12.69 -2.90 -22.81
C ILE B 45 13.70 -3.38 -23.81
N ASN B 46 13.58 -2.91 -25.05
CA ASN B 46 14.52 -3.20 -26.10
C ASN B 46 15.16 -1.88 -26.52
N LEU B 47 16.40 -1.67 -26.07
CA LEU B 47 17.21 -0.50 -26.32
C LEU B 47 17.75 -0.48 -27.75
N HIS B 48 17.79 -1.65 -28.41
CA HIS B 48 18.24 -1.78 -29.80
C HIS B 48 17.17 -1.27 -30.76
N THR B 49 15.90 -1.64 -30.52
CA THR B 49 14.78 -1.28 -31.41
C THR B 49 13.95 -0.10 -30.85
N LEU B 50 14.24 0.36 -29.60
CA LEU B 50 13.53 1.44 -28.89
C LEU B 50 12.04 1.07 -28.80
N GLN B 51 11.81 -0.16 -28.33
CA GLN B 51 10.49 -0.76 -28.20
C GLN B 51 10.28 -1.35 -26.79
N ILE B 52 9.02 -1.39 -26.38
CA ILE B 52 8.51 -1.84 -25.10
C ILE B 52 7.49 -2.95 -25.35
N ASP B 53 7.48 -3.94 -24.46
CA ASP B 53 6.53 -5.05 -24.49
C ASP B 53 6.31 -5.52 -23.07
N SER B 54 5.32 -6.36 -22.86
CA SER B 54 5.03 -6.90 -21.53
C SER B 54 4.48 -8.29 -21.66
N ALA B 55 4.57 -9.06 -20.56
CA ALA B 55 4.05 -10.41 -20.46
C ALA B 55 3.78 -10.75 -19.03
N VAL B 57 3.70 -12.89 -15.55
CA VAL B 57 4.65 -13.69 -14.79
C VAL B 57 3.83 -14.30 -13.63
N THR B 58 3.83 -15.63 -13.55
CA THR B 58 3.05 -16.40 -12.56
C THR B 58 3.98 -17.18 -11.63
N ALA B 59 3.41 -18.02 -10.76
CA ALA B 59 4.16 -18.90 -9.88
C ALA B 59 4.87 -19.98 -10.68
N GLU B 60 4.48 -20.14 -11.97
CA GLU B 60 5.04 -21.10 -12.91
C GLU B 60 6.06 -20.40 -13.89
N GLY B 61 6.44 -19.16 -13.61
CA GLY B 61 7.39 -18.41 -14.42
C GLY B 61 6.79 -17.41 -15.39
N ALA B 62 7.56 -17.01 -16.43
CA ALA B 62 7.16 -15.98 -17.40
C ALA B 62 7.33 -16.44 -18.85
N ASP B 63 6.67 -15.70 -19.76
CA ASP B 63 6.74 -15.87 -21.20
C ASP B 63 7.51 -14.70 -21.79
N ASP B 64 8.85 -14.80 -21.84
CA ASP B 64 9.71 -13.74 -22.36
C ASP B 64 9.56 -13.61 -23.86
N PRO B 65 9.56 -12.36 -24.41
CA PRO B 65 9.51 -12.21 -25.88
C PRO B 65 10.82 -12.68 -26.53
N ASP B 66 10.80 -12.81 -27.87
CA ASP B 66 11.97 -13.27 -28.62
C ASP B 66 13.18 -12.36 -28.41
N THR B 67 12.95 -11.05 -28.32
CA THR B 67 14.04 -10.10 -28.20
C THR B 67 13.71 -9.04 -27.12
N TRP B 68 14.73 -8.69 -26.29
CA TRP B 68 14.68 -7.72 -25.19
C TRP B 68 16.07 -7.55 -24.58
N ASP B 69 16.33 -6.42 -23.95
CA ASP B 69 17.62 -6.15 -23.32
C ASP B 69 17.51 -6.21 -21.79
N LEU B 70 16.42 -5.67 -21.22
CA LEU B 70 16.16 -5.75 -19.78
C LEU B 70 14.64 -5.76 -19.53
N ALA B 71 14.24 -6.11 -18.30
CA ALA B 71 12.84 -6.19 -17.93
C ALA B 71 12.68 -5.70 -16.51
N ILE B 72 11.54 -5.03 -16.24
CA ILE B 72 11.20 -4.44 -14.93
C ILE B 72 9.86 -5.01 -14.46
N HIS B 73 9.86 -5.53 -13.24
CA HIS B 73 8.74 -6.06 -12.46
C HIS B 73 8.80 -5.35 -11.15
N ARG B 74 7.78 -4.55 -10.79
CA ARG B 74 7.85 -3.74 -9.56
C ARG B 74 9.17 -2.94 -9.58
N TYR B 75 10.08 -3.13 -8.61
CA TYR B 75 11.33 -2.40 -8.59
C TYR B 75 12.49 -3.29 -9.03
N ASP B 76 12.18 -4.54 -9.40
CA ASP B 76 13.09 -5.62 -9.80
C ASP B 76 13.46 -5.55 -11.24
N VAL B 77 14.73 -5.90 -11.52
CA VAL B 77 15.28 -5.91 -12.88
C VAL B 77 15.86 -7.29 -13.18
N LYS B 78 15.64 -7.77 -14.40
CA LYS B 78 16.31 -8.95 -14.94
C LYS B 78 16.88 -8.53 -16.31
N THR B 79 17.93 -9.20 -16.75
CA THR B 79 18.54 -8.90 -18.04
C THR B 79 18.40 -10.12 -18.92
N ASN B 80 18.69 -9.97 -20.21
CA ASN B 80 18.63 -11.08 -21.15
C ASN B 80 20.03 -11.57 -21.44
N GLY B 81 20.61 -12.31 -20.50
CA GLY B 81 22.01 -12.75 -20.62
C GLY B 81 23.01 -11.60 -20.48
N GLY B 82 22.58 -10.52 -19.83
CA GLY B 82 23.39 -9.33 -19.62
C GLY B 82 24.16 -9.36 -18.32
N GLU B 83 24.99 -8.33 -18.11
CA GLU B 83 25.77 -8.17 -16.90
C GLU B 83 25.83 -6.68 -16.58
N VAL B 84 25.69 -6.36 -15.28
CA VAL B 84 25.57 -4.97 -14.84
C VAL B 84 26.68 -4.60 -13.85
N LEU B 85 27.14 -3.35 -13.93
CA LEU B 85 28.09 -2.74 -13.03
C LEU B 85 27.50 -1.45 -12.46
N GLU B 86 27.47 -1.35 -11.12
CA GLU B 86 27.03 -0.13 -10.42
C GLU B 86 28.24 0.80 -10.33
N THR B 87 28.22 1.92 -11.07
CA THR B 87 29.34 2.87 -11.07
C THR B 87 29.24 3.82 -9.87
N ASP B 88 30.23 4.70 -9.71
CA ASP B 88 30.23 5.68 -8.63
C ASP B 88 29.58 7.00 -9.10
N TYR B 89 29.28 7.12 -10.42
CA TYR B 89 28.66 8.33 -11.00
C TYR B 89 27.17 8.39 -10.63
N GLN B 90 26.68 9.60 -10.32
CA GLN B 90 25.30 9.88 -9.93
C GLN B 90 24.57 10.72 -11.01
N SER B 91 25.18 10.81 -12.18
CA SER B 91 24.65 11.53 -13.32
C SER B 91 25.17 10.91 -14.61
N LEU B 92 24.31 10.82 -15.65
CA LEU B 92 24.73 10.32 -16.97
C LEU B 92 25.75 11.31 -17.58
N SER B 93 25.60 12.62 -17.26
CA SER B 93 26.51 13.70 -17.67
C SER B 93 27.91 13.50 -17.09
N ALA B 94 28.00 13.16 -15.79
CA ALA B 94 29.26 12.88 -15.06
C ALA B 94 30.00 11.67 -15.68
N LEU B 95 29.28 10.63 -16.12
CA LEU B 95 29.92 9.48 -16.77
C LEU B 95 30.44 9.86 -18.19
N ASN B 97 31.15 12.90 -19.30
CA ASN B 97 32.20 13.90 -19.05
C ASN B 97 33.47 13.25 -18.46
N ALA B 98 33.38 12.04 -17.87
CA ALA B 98 34.56 11.36 -17.27
C ALA B 98 35.59 10.94 -18.32
N GLY B 99 35.11 10.48 -19.48
CA GLY B 99 35.93 10.07 -20.62
C GLY B 99 36.76 8.82 -20.40
N SER B 100 36.28 7.94 -19.54
CA SER B 100 36.93 6.68 -19.21
C SER B 100 35.93 5.62 -18.83
N PRO B 102 34.32 2.98 -16.75
CA PRO B 102 34.39 2.64 -15.32
C PRO B 102 34.81 1.19 -15.08
N GLN B 103 35.81 1.00 -14.22
CA GLN B 103 36.33 -0.31 -13.83
C GLN B 103 35.43 -0.90 -12.75
N GLY B 104 35.41 -2.21 -12.67
CA GLY B 104 34.60 -2.93 -11.68
C GLY B 104 34.15 -4.29 -12.16
N ILE B 105 33.58 -5.10 -11.27
CA ILE B 105 33.11 -6.44 -11.62
C ILE B 105 31.66 -6.34 -12.08
N PHE B 106 31.40 -6.82 -13.32
CA PHE B 106 30.07 -6.87 -13.90
C PHE B 106 29.34 -8.08 -13.34
N VAL B 107 28.12 -7.85 -12.87
CA VAL B 107 27.32 -8.87 -12.20
C VAL B 107 26.23 -9.38 -13.13
N ALA B 108 26.24 -10.70 -13.34
CA ALA B 108 25.24 -11.38 -14.14
C ALA B 108 23.98 -11.65 -13.30
N ASP B 109 22.89 -12.06 -13.95
CA ASP B 109 21.66 -12.44 -13.26
C ASP B 109 21.83 -13.67 -12.44
N GLU B 110 21.02 -13.77 -11.40
CA GLU B 110 20.94 -14.95 -10.55
C GLU B 110 19.60 -15.60 -10.71
N TRP B 111 19.55 -16.91 -10.58
CA TRP B 111 18.30 -17.64 -10.63
C TRP B 111 17.73 -17.61 -9.22
N THR B 112 16.52 -17.08 -9.07
CA THR B 112 15.87 -16.89 -7.76
C THR B 112 14.52 -17.57 -7.69
N THR B 113 14.13 -17.98 -6.48
CA THR B 113 12.84 -18.59 -6.21
C THR B 113 12.12 -17.80 -5.12
N ASN B 114 12.77 -16.77 -4.57
CA ASN B 114 12.23 -16.01 -3.46
C ASN B 114 12.43 -14.49 -3.63
N ILE B 116 11.12 -12.44 -6.96
CA ILE B 116 10.05 -11.90 -7.81
C ILE B 116 8.68 -12.31 -7.24
N ALA B 117 8.07 -11.40 -6.47
CA ALA B 117 6.77 -11.62 -5.86
C ALA B 117 5.69 -11.46 -6.90
N VAL B 118 4.81 -12.48 -7.05
CA VAL B 118 3.72 -12.42 -8.03
C VAL B 118 2.36 -12.28 -7.30
N ASP B 119 2.31 -12.51 -5.98
CA ASP B 119 1.07 -12.39 -5.18
C ASP B 119 1.44 -11.97 -3.78
N VAL B 120 0.90 -10.85 -3.32
CA VAL B 120 1.20 -10.32 -1.99
C VAL B 120 -0.08 -10.27 -1.15
N SER B 121 -1.17 -10.92 -1.61
CA SER B 121 -2.47 -10.86 -0.90
C SER B 121 -2.51 -11.75 0.35
N HIS B 122 -1.47 -12.54 0.64
CA HIS B 122 -1.46 -13.40 1.84
C HIS B 122 -0.51 -12.83 2.91
N GLU B 125 0.88 -10.30 9.70
CA GLU B 125 1.72 -10.56 10.89
C GLU B 125 1.75 -12.06 11.31
N ASP B 126 0.58 -12.76 11.21
CA ASP B 126 0.34 -14.16 11.61
C ASP B 126 1.01 -15.19 10.66
N ASN B 127 0.19 -15.90 9.87
CA ASN B 127 0.70 -16.94 8.96
C ASN B 127 0.87 -16.31 7.54
N GLY B 128 1.61 -15.19 7.50
CA GLY B 128 1.85 -14.40 6.30
C GLY B 128 2.86 -14.98 5.33
N TYR B 129 2.62 -14.76 4.02
CA TYR B 129 3.53 -15.24 3.01
C TYR B 129 3.33 -14.52 1.69
N LEU B 130 4.38 -14.59 0.85
CA LEU B 130 4.39 -14.05 -0.51
C LEU B 130 4.56 -15.20 -1.45
N ILE B 131 3.96 -15.12 -2.64
CA ILE B 131 4.10 -16.15 -3.68
C ILE B 131 5.08 -15.59 -4.67
N TYR B 132 6.16 -16.33 -4.85
CA TYR B 132 7.21 -15.89 -5.76
C TYR B 132 7.21 -16.68 -7.04
N ALA B 133 7.79 -16.06 -8.07
CA ALA B 133 8.02 -16.70 -9.35
C ALA B 133 9.45 -17.17 -9.44
N PRO B 134 9.71 -18.41 -9.90
CA PRO B 134 11.10 -18.79 -10.19
C PRO B 134 11.55 -17.92 -11.37
N SER B 135 12.60 -17.16 -11.18
CA SER B 135 12.98 -16.17 -12.19
C SER B 135 14.41 -15.76 -12.11
N ASP B 136 14.93 -15.24 -13.24
CA ASP B 136 16.21 -14.54 -13.29
C ASP B 136 16.05 -13.23 -12.62
N PHE B 137 17.12 -12.73 -12.01
CA PHE B 137 17.10 -11.46 -11.29
C PHE B 137 18.48 -10.85 -11.29
N ASN B 138 18.60 -9.55 -11.66
CA ASN B 138 19.90 -8.89 -11.62
C ASN B 138 20.01 -8.14 -10.31
N PRO B 139 20.81 -8.64 -9.35
CA PRO B 139 20.90 -7.93 -8.05
C PRO B 139 21.66 -6.63 -8.13
N GLU B 140 22.45 -6.43 -9.18
CA GLU B 140 23.25 -5.22 -9.33
C GLU B 140 22.38 -4.06 -9.82
N LEU B 141 21.60 -4.26 -10.90
CA LEU B 141 20.77 -3.17 -11.42
C LEU B 141 19.64 -2.87 -10.45
N SER B 142 19.08 -3.90 -9.79
CA SER B 142 17.98 -3.77 -8.82
C SER B 142 18.41 -2.96 -7.57
N TRP B 144 19.19 0.03 -7.78
CA TRP B 144 18.77 1.39 -8.13
C TRP B 144 17.67 1.89 -7.17
N LEU B 145 17.06 0.99 -6.40
CA LEU B 145 16.12 1.30 -5.33
C LEU B 145 16.34 0.32 -4.19
N ASN B 146 16.63 0.85 -3.00
CA ASN B 146 16.81 0.02 -1.81
C ASN B 146 15.61 0.19 -0.91
N VAL B 147 14.98 -0.95 -0.58
CA VAL B 147 13.84 -0.99 0.31
C VAL B 147 14.29 -1.65 1.61
N ASP B 148 14.41 -0.85 2.68
CA ASP B 148 14.89 -1.34 3.98
C ASP B 148 13.69 -1.79 4.81
N THR B 149 13.45 -3.11 4.82
CA THR B 149 12.31 -3.76 5.47
C THR B 149 12.52 -3.89 6.98
N SER B 150 13.74 -3.63 7.49
CA SER B 150 14.04 -3.67 8.93
C SER B 150 13.52 -2.39 9.64
N GLU B 151 12.88 -1.48 8.88
CA GLU B 151 12.31 -0.23 9.37
C GLU B 151 10.78 -0.26 9.27
N PRO B 153 7.82 2.60 9.12
CA PRO B 153 7.59 1.95 7.80
C PRO B 153 8.92 1.72 7.06
N PRO B 154 9.00 0.91 5.96
CA PRO B 154 10.31 0.72 5.29
C PRO B 154 10.85 2.01 4.65
N ILE B 155 12.18 2.08 4.51
CA ILE B 155 12.88 3.23 3.96
C ILE B 155 13.30 2.94 2.51
N TYR B 156 12.78 3.76 1.59
CA TYR B 156 13.05 3.73 0.16
C TYR B 156 14.20 4.69 -0.13
N THR B 157 15.35 4.10 -0.52
CA THR B 157 16.56 4.87 -0.78
C THR B 157 17.07 4.58 -2.21
N PRO B 158 16.71 5.41 -3.23
CA PRO B 158 17.27 5.18 -4.57
C PRO B 158 18.77 5.41 -4.51
N SER B 159 19.56 4.52 -5.12
CA SER B 159 21.01 4.64 -5.12
C SER B 159 21.46 5.97 -5.77
N ASN B 160 20.69 6.41 -6.81
CA ASN B 160 20.89 7.60 -7.65
C ASN B 160 22.18 7.41 -8.46
N VAL B 162 24.62 5.53 -11.57
CA VAL B 162 24.58 5.17 -12.97
C VAL B 162 25.00 3.69 -13.08
N TYR B 163 24.20 2.89 -13.76
CA TYR B 163 24.45 1.46 -13.98
C TYR B 163 24.88 1.20 -15.41
N LEU B 164 25.90 0.38 -15.58
CA LEU B 164 26.33 -0.03 -16.91
C LEU B 164 25.75 -1.37 -17.19
N LEU B 165 25.03 -1.49 -18.31
CA LEU B 165 24.46 -2.76 -18.74
C LEU B 165 25.20 -3.25 -19.98
N ARG B 166 25.97 -4.33 -19.84
CA ARG B 166 26.64 -4.94 -20.98
C ARG B 166 25.75 -6.06 -21.48
N ASP B 169 25.68 -8.86 -27.05
CA ASP B 169 26.43 -8.49 -28.24
C ASP B 169 27.62 -7.55 -27.93
N ASP B 170 27.92 -7.36 -26.62
CA ASP B 170 29.03 -6.54 -26.08
C ASP B 170 28.75 -5.02 -26.24
N THR B 171 27.51 -4.63 -26.62
CA THR B 171 27.15 -3.21 -26.64
C THR B 171 26.82 -2.85 -25.22
N ALA B 173 24.99 0.01 -22.31
CA ALA B 173 24.06 1.08 -21.95
C ALA B 173 24.40 1.62 -20.58
N ALA B 174 24.22 2.92 -20.41
CA ALA B 174 24.36 3.62 -19.14
C ALA B 174 22.96 3.98 -18.68
N ILE B 175 22.51 3.46 -17.53
CA ILE B 175 21.15 3.61 -17.03
C ILE B 175 21.15 4.27 -15.62
N ARG B 176 20.25 5.24 -15.42
CA ARG B 176 20.06 5.91 -14.14
C ARG B 176 18.56 6.09 -13.92
N LEU B 177 18.08 5.67 -12.75
CA LEU B 177 16.66 5.78 -12.39
C LEU B 177 16.31 7.23 -12.11
N VAL B 178 15.25 7.73 -12.74
CA VAL B 178 14.81 9.09 -12.50
C VAL B 178 13.81 9.05 -11.34
N SER B 179 12.79 8.20 -11.40
CA SER B 179 11.77 8.12 -10.35
C SER B 179 11.21 6.72 -10.23
N TYR B 180 10.64 6.40 -9.06
CA TYR B 180 10.00 5.11 -8.77
C TYR B 180 8.54 5.34 -8.40
N ASN B 182 4.88 8.05 -9.76
CA ASN B 182 4.36 9.01 -10.73
C ASN B 182 4.20 10.38 -10.04
N ALA B 183 3.76 11.41 -10.78
CA ALA B 183 3.57 12.75 -10.23
C ALA B 183 2.45 12.79 -9.16
N ALA B 184 1.48 11.85 -9.19
CA ALA B 184 0.35 11.76 -8.24
C ALA B 184 0.71 10.93 -6.98
N GLY B 185 1.97 10.48 -6.90
CA GLY B 185 2.53 9.73 -5.78
C GLY B 185 2.25 8.24 -5.76
N ILE B 186 2.06 7.62 -6.92
CA ILE B 186 1.80 6.18 -6.95
C ILE B 186 3.09 5.48 -7.31
N GLY B 188 5.55 2.36 -8.33
CA GLY B 188 5.57 1.34 -9.37
C GLY B 188 5.68 1.91 -10.78
N TYR B 189 5.54 3.22 -10.91
CA TYR B 189 5.69 3.91 -12.19
C TYR B 189 7.18 4.25 -12.29
N THR B 191 10.65 5.30 -14.16
CA THR B 191 11.20 6.16 -15.20
C THR B 191 12.73 6.15 -15.13
N PHE B 192 13.41 5.85 -16.24
CA PHE B 192 14.87 5.94 -16.23
C PHE B 192 15.40 6.62 -17.50
N ASP B 193 16.56 7.28 -17.35
CA ASP B 193 17.30 7.89 -18.45
C ASP B 193 18.40 6.92 -18.88
N TYR B 194 18.75 6.92 -20.16
CA TYR B 194 19.80 6.02 -20.61
C TYR B 194 20.71 6.69 -21.65
N ILE B 195 21.87 6.07 -21.87
CA ILE B 195 22.83 6.34 -22.95
C ILE B 195 23.01 5.01 -23.65
N TYR B 196 22.58 4.91 -24.91
CA TYR B 196 22.78 3.68 -25.65
C TYR B 196 22.95 3.99 -27.12
N PRO B 197 24.09 3.55 -27.70
CA PRO B 197 25.18 2.78 -27.07
C PRO B 197 26.17 3.69 -26.35
N TYR B 198 26.59 3.30 -25.14
CA TYR B 198 27.56 4.05 -24.34
C TYR B 198 28.99 3.70 -24.80
N GLU B 199 29.75 4.76 -25.12
CA GLU B 199 31.15 4.71 -25.53
C GLU B 199 31.92 5.83 -24.85
N PRO B 200 33.05 5.53 -24.16
CA PRO B 200 33.85 6.60 -23.53
C PRO B 200 34.37 7.63 -24.55
#